data_9C9L
#
_entry.id   9C9L
#
loop_
_entity.id
_entity.type
_entity.pdbx_description
1 polymer 'Peptide from Complement C1q subcomponent subunit B'
2 polymer 'Peptide from Complement C1q subcomponent subunit A'
3 polymer 'Peptide from Complement C1q subcomponent subunit C'
#
loop_
_entity_poly.entity_id
_entity_poly.type
_entity_poly.pdbx_seq_one_letter_code
_entity_poly.pdbx_strand_id
1 'polypeptide(L)' P(HYP)AI(HYP)GI(HYP)GI(HYP)GT A,D,E,F,G,H
2 'polypeptide(L)' APDGKKGEAGR(HYP)G B,I,J,K,L,M
3 'polypeptide(L)' GI(HYP)GM(HYP)GL(HYP)GA(HYP)GK C,N,O,P,Q,R
#
# COMPACT_ATOMS: atom_id res chain seq x y z
N PRO A 1 7.22 24.34 -6.42
CA PRO A 1 6.34 23.38 -7.07
C PRO A 1 6.46 21.96 -6.50
N ALA A 3 5.58 18.01 -5.66
CA ALA A 3 5.30 16.99 -6.66
C ALA A 3 3.96 16.27 -6.51
N ILE A 4 3.49 15.70 -7.62
CA ILE A 4 2.23 14.98 -7.67
C ILE A 4 2.44 13.48 -7.80
N GLY A 6 1.64 9.39 -8.75
CA GLY A 6 1.19 8.72 -9.95
C GLY A 6 -0.03 7.85 -9.81
N ILE A 7 -0.70 7.60 -10.92
CA ILE A 7 -1.91 6.79 -10.93
C ILE A 7 -1.66 5.29 -10.98
N GLY A 9 -2.35 1.33 -11.92
CA GLY A 9 -2.85 0.65 -13.09
C GLY A 9 -4.01 -0.30 -12.87
N ILE A 10 -4.72 -0.61 -13.95
CA ILE A 10 -5.90 -1.47 -13.88
C ILE A 10 -5.67 -2.96 -14.09
N GLY A 12 -6.28 -6.45 -15.98
CA GLY A 12 -6.41 -6.69 -17.40
C GLY A 12 -7.65 -7.50 -17.77
N THR A 13 -8.09 -7.34 -19.01
CA THR A 13 -9.28 -8.03 -19.50
C THR A 13 -9.17 -9.55 -19.63
N ALA B 1 10.47 19.48 -9.36
CA ALA B 1 9.28 18.71 -9.04
C ALA B 1 9.41 17.27 -9.52
N PRO B 2 10.01 16.41 -8.71
CA PRO B 2 10.14 15.00 -9.09
C PRO B 2 8.82 14.24 -8.96
N ASP B 3 8.21 13.90 -10.10
CA ASP B 3 6.88 13.31 -10.13
C ASP B 3 6.94 11.79 -10.26
N GLY B 4 5.85 11.13 -9.83
CA GLY B 4 5.85 9.69 -9.70
C GLY B 4 5.64 8.94 -11.00
N LYS B 5 5.87 7.64 -10.93
CA LYS B 5 5.73 6.75 -12.07
C LYS B 5 4.31 6.19 -12.14
N LYS B 6 3.80 6.04 -13.36
CA LYS B 6 2.47 5.48 -13.58
C LYS B 6 2.53 3.97 -13.75
N GLY B 7 1.53 3.28 -13.20
CA GLY B 7 1.55 1.83 -13.16
C GLY B 7 1.11 1.19 -14.47
N GLU B 8 1.50 -0.08 -14.63
CA GLU B 8 1.14 -0.87 -15.80
C GLU B 8 -0.20 -1.56 -15.62
N ALA B 9 -0.92 -1.73 -16.72
CA ALA B 9 -2.13 -2.54 -16.72
C ALA B 9 -1.78 -4.03 -16.76
N GLY B 10 -2.73 -4.84 -16.30
CA GLY B 10 -2.53 -6.28 -16.33
C GLY B 10 -2.69 -6.88 -17.71
N ARG B 11 -2.21 -8.10 -17.86
CA ARG B 11 -2.28 -8.81 -19.14
C ARG B 11 -3.52 -9.70 -19.25
N GLY B 13 -5.70 -13.25 -20.75
CA GLY B 13 -5.46 -14.68 -20.78
C GLY B 13 -6.72 -15.50 -20.93
N GLY C 1 10.80 21.54 -1.38
CA GLY C 1 10.37 20.65 -2.45
C GLY C 1 10.19 19.21 -2.02
N ILE C 2 8.93 18.79 -1.90
CA ILE C 2 8.63 17.41 -1.54
C ILE C 2 8.34 16.62 -2.81
N GLY C 4 6.95 13.05 -5.09
CA GLY C 4 5.72 12.28 -5.15
C GLY C 4 5.93 10.78 -5.09
N MET C 5 4.82 10.06 -4.94
CA MET C 5 4.84 8.60 -4.90
C MET C 5 4.54 8.03 -6.28
N GLY C 7 2.79 4.62 -8.71
CA GLY C 7 1.62 3.75 -8.66
C GLY C 7 1.93 2.27 -8.70
N LEU C 8 0.89 1.46 -8.48
CA LEU C 8 1.02 0.01 -8.51
C LEU C 8 0.57 -0.54 -9.86
N GLY C 10 -1.46 -3.38 -12.23
CA GLY C 10 -2.66 -4.21 -12.12
C GLY C 10 -2.38 -5.70 -12.12
N ALA C 11 -3.41 -6.48 -11.80
CA ALA C 11 -3.29 -7.93 -11.78
C ALA C 11 -3.71 -8.52 -13.11
N GLY C 13 -5.39 -11.25 -15.91
CA GLY C 13 -6.68 -11.90 -16.02
C GLY C 13 -6.61 -13.40 -15.86
N LYS C 14 -7.66 -14.09 -16.31
CA LYS C 14 -7.72 -15.54 -16.21
C LYS C 14 -8.42 -16.16 -17.42
N PRO D 1 18.46 18.57 -0.04
CA PRO D 1 18.07 17.58 -1.03
C PRO D 1 17.15 16.50 -0.48
N ALA D 3 14.45 13.36 -0.33
CA ALA D 3 14.63 12.08 -1.01
C ALA D 3 13.51 11.69 -1.97
N ILE D 4 13.84 10.81 -2.91
CA ILE D 4 12.90 10.31 -3.90
C ILE D 4 12.52 8.86 -3.65
N GLY D 6 11.13 4.89 -4.41
CA GLY D 6 11.52 3.88 -5.38
C GLY D 6 10.39 3.33 -6.22
N ILE D 7 10.75 2.77 -7.37
CA ILE D 7 9.77 2.20 -8.29
C ILE D 7 9.35 0.78 -7.97
N GLY D 9 8.07 -3.09 -8.64
CA GLY D 9 8.39 -4.09 -9.63
C GLY D 9 7.21 -4.70 -10.37
N ILE D 10 7.50 -5.29 -11.52
CA ILE D 10 6.47 -5.88 -12.37
C ILE D 10 6.15 -7.34 -12.15
N GLY D 12 5.81 -11.17 -13.34
CA GLY D 12 6.69 -11.92 -14.20
C GLY D 12 5.97 -12.62 -15.35
N THR D 13 6.71 -12.89 -16.42
CA THR D 13 6.15 -13.54 -17.60
C THR D 13 5.69 -14.99 -17.42
N ALA E 1 20.42 12.54 1.54
CA ALA E 1 19.23 12.14 0.80
C ALA E 1 19.08 10.62 0.78
N PRO E 2 18.46 10.06 1.82
CA PRO E 2 18.23 8.62 1.86
C PRO E 2 17.13 8.17 0.91
N ASP E 3 17.50 7.51 -0.18
CA ASP E 3 16.56 7.16 -1.24
C ASP E 3 16.08 5.71 -1.10
N GLY E 4 14.91 5.44 -1.70
CA GLY E 4 14.22 4.18 -1.48
C GLY E 4 14.77 3.03 -2.30
N LYS E 5 14.33 1.83 -1.93
CA LYS E 5 14.74 0.60 -2.58
C LYS E 5 13.79 0.27 -3.74
N LYS E 6 14.35 -0.27 -4.82
CA LYS E 6 13.57 -0.66 -5.99
C LYS E 6 13.13 -2.12 -5.88
N GLY E 7 11.90 -2.38 -6.34
CA GLY E 7 11.31 -3.69 -6.14
C GLY E 7 11.77 -4.71 -7.16
N GLU E 8 11.59 -5.99 -6.80
CA GLU E 8 11.94 -7.11 -7.66
C GLU E 8 10.79 -7.47 -8.60
N ALA E 9 11.15 -7.94 -9.79
CA ALA E 9 10.18 -8.51 -10.71
C ALA E 9 9.80 -9.93 -10.28
N GLY E 10 8.61 -10.35 -10.73
CA GLY E 10 8.15 -11.70 -10.45
C GLY E 10 8.85 -12.75 -11.28
N ARG E 11 8.73 -14.00 -10.83
CA ARG E 11 9.35 -15.12 -11.52
C ARG E 11 8.42 -15.81 -12.51
N GLY E 13 6.91 -19.30 -14.79
CA GLY E 13 6.48 -20.64 -14.45
C GLY E 13 5.58 -21.27 -15.50
N GLY F 1 15.53 17.47 5.99
CA GLY F 1 15.74 16.31 5.14
C GLY F 1 14.73 15.20 5.37
N ILE F 2 13.80 15.04 4.44
CA ILE F 2 12.82 13.97 4.53
C ILE F 2 13.28 12.80 3.66
N GLY F 4 12.77 8.87 1.63
CA GLY F 4 11.84 8.33 0.65
C GLY F 4 11.32 6.96 1.00
N MET F 5 10.32 6.52 0.24
CA MET F 5 9.70 5.21 0.43
C MET F 5 10.32 4.20 -0.53
N GLY F 7 9.79 0.40 -2.95
CA GLY F 7 8.79 -0.20 -3.80
C GLY F 7 8.39 -1.60 -3.42
N LEU F 8 7.34 -2.11 -4.08
CA LEU F 8 6.84 -3.46 -3.84
C LEU F 8 7.37 -4.41 -4.90
N GLY F 10 6.88 -7.63 -7.59
CA GLY F 10 5.83 -8.16 -8.44
C GLY F 10 5.37 -9.55 -8.06
N ALA F 11 4.27 -9.99 -8.66
CA ALA F 11 3.73 -11.32 -8.40
C ALA F 11 4.25 -12.32 -9.42
N GLY F 13 4.31 -15.64 -12.07
CA GLY F 13 3.42 -16.08 -13.12
C GLY F 13 2.75 -17.40 -12.83
N LYS F 14 2.23 -18.04 -13.87
CA LYS F 14 1.53 -19.31 -13.73
C LYS F 14 1.80 -20.24 -14.91
N PRO G 1 17.49 14.18 13.37
CA PRO G 1 17.62 12.94 12.61
C PRO G 1 16.27 12.31 12.26
N ALA G 3 13.44 9.90 10.43
CA ALA G 3 13.52 8.46 10.33
C ALA G 3 13.46 7.89 8.92
N ILE G 4 13.99 6.67 8.77
CA ILE G 4 14.01 5.97 7.49
C ILE G 4 13.03 4.81 7.46
N GLY G 6 11.25 1.10 6.29
CA GLY G 6 11.77 -0.25 6.18
C GLY G 6 11.56 -0.92 4.84
N ILE G 7 12.37 -1.93 4.56
CA ILE G 7 12.30 -2.66 3.31
C ILE G 7 11.25 -3.76 3.28
N GLY G 9 9.50 -7.35 2.25
CA GLY G 9 10.00 -8.69 2.07
C GLY G 9 9.66 -9.37 0.75
N ILE G 10 10.43 -10.40 0.42
CA ILE G 10 10.27 -11.11 -0.84
C ILE G 10 9.33 -12.31 -0.84
N GLY G 12 8.49 -16.20 -1.38
CA GLY G 12 9.30 -17.35 -1.05
C GLY G 12 9.47 -18.33 -2.21
N THR G 13 10.55 -19.09 -2.15
CA THR G 13 10.86 -20.06 -3.20
C THR G 13 9.90 -21.25 -3.33
N ALA H 1 14.96 9.02 16.48
CA ALA H 1 14.69 8.54 15.13
C ALA H 1 14.02 7.17 15.15
N PRO H 2 12.68 7.16 15.27
CA PRO H 2 11.95 5.90 15.26
C PRO H 2 11.88 5.28 13.86
N ASP H 3 12.61 4.20 13.64
CA ASP H 3 12.75 3.60 12.31
C ASP H 3 11.79 2.42 12.14
N GLY H 4 11.51 2.10 10.87
CA GLY H 4 10.47 1.15 10.54
C GLY H 4 10.90 -0.30 10.67
N LYS H 5 9.90 -1.18 10.63
CA LYS H 5 10.11 -2.62 10.73
C LYS H 5 10.33 -3.22 9.34
N LYS H 6 11.21 -4.22 9.27
CA LYS H 6 11.49 -4.92 8.02
C LYS H 6 10.58 -6.13 7.85
N GLY H 7 10.14 -6.37 6.62
CA GLY H 7 9.16 -7.40 6.36
C GLY H 7 9.75 -8.79 6.29
N GLU H 8 8.87 -9.79 6.48
CA GLU H 8 9.24 -11.20 6.41
C GLU H 8 9.18 -11.72 4.98
N ALA H 9 10.06 -12.67 4.67
CA ALA H 9 9.98 -13.39 3.41
C ALA H 9 8.88 -14.46 3.47
N GLY H 10 8.41 -14.85 2.29
CA GLY H 10 7.41 -15.90 2.21
C GLY H 10 7.98 -17.29 2.44
N ARG H 11 7.08 -18.23 2.71
CA ARG H 11 7.47 -19.61 2.96
C ARG H 11 7.42 -20.48 1.70
N GLY H 13 6.88 -24.32 -0.44
CA GLY H 13 5.86 -25.35 -0.47
C GLY H 13 5.90 -26.19 -1.72
N GLY I 1 11.01 15.94 14.38
CA GLY I 1 11.29 14.53 14.19
C GLY I 1 10.12 13.75 13.61
N ILE I 2 10.24 13.39 12.34
CA ILE I 2 9.21 12.60 11.68
C ILE I 2 9.63 11.13 11.70
N GLY I 4 9.28 6.83 10.57
CA GLY I 4 9.27 6.10 9.32
C GLY I 4 8.17 5.06 9.22
N MET I 5 8.03 4.52 8.01
CA MET I 5 7.02 3.49 7.74
C MET I 5 7.66 2.11 7.84
N GLY I 7 7.64 -2.22 6.45
CA GLY I 7 7.48 -2.95 5.21
C GLY I 7 6.41 -4.02 5.24
N LEU I 8 6.13 -4.58 4.05
CA LEU I 8 5.14 -5.64 3.92
C LEU I 8 5.82 -7.00 3.87
N GLY I 10 6.25 -10.90 2.31
CA GLY I 10 6.09 -11.55 1.01
C GLY I 10 5.01 -12.61 0.99
N ALA I 11 4.67 -13.08 -0.21
CA ALA I 11 3.66 -14.11 -0.37
C ALA I 11 4.29 -15.49 -0.40
N GLY I 13 4.93 -19.55 -1.46
CA GLY I 13 5.06 -20.24 -2.75
C GLY I 13 3.95 -21.22 -3.01
N LYS I 14 4.19 -22.14 -3.94
CA LYS I 14 3.18 -23.13 -4.31
C LYS I 14 3.82 -24.48 -4.64
N PRO J 1 5.29 15.54 20.40
CA PRO J 1 5.43 14.11 20.21
C PRO J 1 4.70 13.59 18.96
N ALA J 3 3.55 11.10 15.86
CA ALA J 3 3.09 9.73 16.02
C ALA J 3 3.87 8.68 15.25
N ILE J 4 3.77 7.43 15.73
CA ILE J 4 4.44 6.30 15.12
C ILE J 4 3.48 5.37 14.41
N GLY J 6 1.87 1.81 12.67
CA GLY J 6 1.69 0.46 13.17
C GLY J 6 2.29 -0.64 12.34
N ILE J 7 2.53 -1.78 12.96
CA ILE J 7 3.12 -2.93 12.28
C ILE J 7 2.14 -3.78 11.51
N GLY J 9 0.51 -7.20 9.86
CA GLY J 9 0.36 -8.56 10.31
C GLY J 9 0.89 -9.64 9.38
N ILE J 10 1.14 -10.82 9.94
CA ILE J 10 1.69 -11.93 9.18
C ILE J 10 0.70 -12.89 8.53
N GLY J 12 -0.92 -16.51 7.94
CA GLY J 12 -1.19 -17.55 8.91
C GLY J 12 -0.63 -18.91 8.51
N THR J 13 -0.40 -19.75 9.52
CA THR J 13 0.15 -21.08 9.30
C THR J 13 -0.75 -22.07 8.55
N ALA K 1 -0.46 12.43 20.54
CA ALA K 1 0.20 11.51 19.63
C ALA K 1 -0.73 10.38 19.21
N PRO K 2 -1.53 10.60 18.18
CA PRO K 2 -2.43 9.55 17.69
C PRO K 2 -1.70 8.47 16.92
N ASP K 3 -1.56 7.29 17.52
CA ASP K 3 -0.75 6.21 16.97
C ASP K 3 -1.62 5.20 16.21
N GLY K 4 -0.96 4.46 15.30
CA GLY K 4 -1.67 3.62 14.36
C GLY K 4 -2.11 2.29 14.94
N LYS K 5 -2.97 1.62 14.17
CA LYS K 5 -3.51 0.32 14.55
C LYS K 5 -2.62 -0.81 14.03
N LYS K 6 -2.49 -1.87 14.82
CA LYS K 6 -1.70 -3.03 14.44
C LYS K 6 -2.56 -4.07 13.72
N GLY K 7 -1.97 -4.70 12.70
CA GLY K 7 -2.73 -5.59 11.85
C GLY K 7 -2.93 -6.97 12.44
N GLU K 8 -3.93 -7.68 11.92
CA GLU K 8 -4.25 -9.04 12.33
C GLU K 8 -3.45 -10.06 11.54
N ALA K 9 -3.12 -11.17 12.20
CA ALA K 9 -2.53 -12.31 11.52
C ALA K 9 -3.59 -13.10 10.76
N GLY K 10 -3.14 -13.84 9.75
CA GLY K 10 -4.04 -14.68 8.98
C GLY K 10 -4.46 -15.93 9.72
N ARG K 11 -5.52 -16.55 9.22
CA ARG K 11 -6.06 -17.77 9.83
C ARG K 11 -5.50 -19.05 9.18
N GLY K 13 -5.76 -23.29 7.94
CA GLY K 13 -6.71 -24.09 7.19
C GLY K 13 -6.10 -25.35 6.62
N GLY L 1 1.76 18.49 15.41
CA GLY L 1 1.47 17.09 15.68
C GLY L 1 0.97 16.33 14.46
N ILE L 2 1.82 15.48 13.91
CA ILE L 2 1.43 14.65 12.77
C ILE L 2 1.04 13.27 13.28
N GLY L 4 -0.04 8.97 12.80
CA GLY L 4 0.58 7.82 12.19
C GLY L 4 -0.35 7.00 11.33
N MET L 5 0.24 6.05 10.59
CA MET L 5 -0.52 5.16 9.72
C MET L 5 -0.81 3.85 10.44
N GLY L 7 -1.53 -0.63 10.11
CA GLY L 7 -1.00 -1.75 9.36
C GLY L 7 -2.02 -2.55 8.60
N LEU L 8 -1.53 -3.48 7.78
CA LEU L 8 -2.39 -4.36 6.99
C LEU L 8 -2.53 -5.71 7.67
N GLY L 10 -2.72 -9.93 7.56
CA GLY L 10 -2.12 -11.00 6.79
C GLY L 10 -3.11 -11.81 5.99
N ALA L 11 -2.60 -12.66 5.10
CA ALA L 11 -3.43 -13.51 4.27
C ALA L 11 -3.63 -14.87 4.91
N GLY L 13 -4.13 -19.07 5.28
CA GLY L 13 -3.39 -20.21 4.76
C GLY L 13 -4.20 -21.05 3.79
N LYS L 14 -3.75 -22.28 3.57
CA LYS L 14 -4.42 -23.18 2.64
C LYS L 14 -4.37 -24.63 3.12
N PRO M 1 -5.95 21.31 14.02
CA PRO M 1 -6.31 19.91 14.17
C PRO M 1 -6.00 19.06 12.94
N ALA M 3 -5.31 15.75 10.54
CA ALA M 3 -6.24 14.64 10.38
C ALA M 3 -5.68 13.26 10.72
N ILE M 4 -6.58 12.33 11.02
CA ILE M 4 -6.23 10.96 11.36
C ILE M 4 -6.60 9.99 10.25
N GLY M 6 -7.62 6.31 8.33
CA GLY M 6 -8.63 5.30 8.60
C GLY M 6 -8.13 3.89 8.75
N ILE M 7 -8.92 3.05 9.41
CA ILE M 7 -8.56 1.66 9.65
C ILE M 7 -8.87 0.73 8.50
N GLY M 9 -9.91 -2.78 6.58
CA GLY M 9 -10.87 -3.82 6.85
C GLY M 9 -10.33 -5.24 6.88
N ILE M 10 -11.09 -6.13 7.52
CA ILE M 10 -10.67 -7.52 7.67
C ILE M 10 -11.12 -8.50 6.60
N GLY M 12 -13.02 -11.79 5.30
CA GLY M 12 -14.30 -12.32 5.71
C GLY M 12 -14.26 -13.79 6.09
N THR M 13 -15.21 -14.20 6.93
CA THR M 13 -15.28 -15.57 7.39
C THR M 13 -15.62 -16.63 6.34
N ALA N 1 -10.41 19.37 9.65
CA ALA N 1 -9.75 18.08 9.79
C ALA N 1 -10.40 17.02 8.91
N PRO N 2 -9.98 16.95 7.64
CA PRO N 2 -10.53 15.93 6.74
C PRO N 2 -10.01 14.53 7.05
N ASP N 3 -10.85 13.68 7.60
CA ASP N 3 -10.44 12.36 8.08
C ASP N 3 -10.75 11.28 7.05
N GLY N 4 -10.02 10.16 7.16
CA GLY N 4 -10.05 9.13 6.14
C GLY N 4 -11.25 8.20 6.23
N LYS N 5 -11.42 7.42 5.17
CA LYS N 5 -12.52 6.47 5.06
C LYS N 5 -12.10 5.11 5.63
N LYS N 6 -13.05 4.44 6.29
CA LYS N 6 -12.80 3.11 6.85
C LYS N 6 -13.16 2.02 5.85
N GLY N 7 -12.34 0.96 5.84
CA GLY N 7 -12.48 -0.07 4.83
C GLY N 7 -13.58 -1.07 5.13
N GLU N 8 -14.02 -1.77 4.08
CA GLU N 8 -15.05 -2.80 4.19
C GLU N 8 -14.44 -4.16 4.53
N ALA N 9 -15.20 -4.95 5.27
CA ALA N 9 -14.84 -6.34 5.51
C ALA N 9 -15.17 -7.20 4.28
N GLY N 10 -14.47 -8.34 4.18
CA GLY N 10 -14.73 -9.27 3.10
C GLY N 10 -16.01 -10.06 3.28
N ARG N 11 -16.47 -10.66 2.19
CA ARG N 11 -17.69 -11.45 2.20
C ARG N 11 -17.44 -12.94 2.44
N GLY N 13 -18.37 -17.25 1.98
CA GLY N 13 -18.65 -18.13 0.86
C GLY N 13 -18.40 -19.59 1.18
N GLY O 1 -2.97 22.56 8.04
CA GLY O 1 -3.89 21.43 8.09
C GLY O 1 -3.58 20.34 7.09
N ILE O 2 -3.05 19.23 7.57
CA ILE O 2 -2.76 18.09 6.71
C ILE O 2 -3.89 17.09 6.81
N GLY O 4 -5.86 13.15 6.09
CA GLY O 4 -5.54 11.77 6.39
C GLY O 4 -5.74 10.82 5.23
N MET O 5 -5.26 9.60 5.41
CA MET O 5 -5.39 8.55 4.39
C MET O 5 -6.59 7.68 4.69
N GLY O 7 -8.54 3.59 4.35
CA GLY O 7 -8.16 2.20 4.51
C GLY O 7 -8.47 1.32 3.32
N LEU O 8 -7.98 0.09 3.37
CA LEU O 8 -8.21 -0.89 2.31
C LEU O 8 -9.34 -1.84 2.71
N GLY O 10 -11.06 -5.68 2.93
CA GLY O 10 -10.60 -7.05 3.11
C GLY O 10 -10.87 -7.96 1.93
N ALA O 11 -10.27 -9.15 1.95
CA ALA O 11 -10.45 -10.12 0.88
C ALA O 11 -11.59 -11.07 1.22
N GLY O 13 -13.82 -14.68 1.44
CA GLY O 13 -13.50 -16.03 1.87
C GLY O 13 -13.56 -17.05 0.76
N LYS O 14 -13.64 -18.32 1.13
CA LYS O 14 -13.68 -19.41 0.16
C LYS O 14 -14.60 -20.54 0.61
N PRO P 1 -4.98 25.70 0.61
CA PRO P 1 -5.85 24.55 0.53
C PRO P 1 -5.11 23.24 0.20
N ALA P 3 -4.31 19.21 -0.22
CA ALA P 3 -5.14 18.27 -0.96
C ALA P 3 -5.63 17.06 -0.17
N ILE P 4 -6.73 16.47 -0.66
CA ILE P 4 -7.34 15.30 -0.03
C ILE P 4 -7.11 14.04 -0.85
N GLY P 6 -7.74 10.09 -2.37
CA GLY P 6 -8.88 9.43 -2.96
C GLY P 6 -9.29 8.13 -2.31
N ILE P 7 -10.55 7.75 -2.53
CA ILE P 7 -11.09 6.52 -1.95
C ILE P 7 -10.78 5.27 -2.75
N GLY P 9 -11.34 1.48 -4.31
CA GLY P 9 -12.48 0.78 -4.84
C GLY P 9 -12.78 -0.58 -4.23
N ILE P 10 -14.02 -1.03 -4.43
CA ILE P 10 -14.47 -2.29 -3.86
C ILE P 10 -14.31 -3.54 -4.71
N GLY P 12 -15.70 -6.76 -6.66
CA GLY P 12 -16.91 -6.89 -7.44
C GLY P 12 -17.76 -8.09 -7.05
N THR P 13 -19.05 -7.99 -7.34
CA THR P 13 -19.99 -9.05 -7.01
C THR P 13 -19.82 -10.37 -7.75
N ALA Q 1 -4.94 22.90 -5.30
CA ALA Q 1 -5.21 21.68 -4.54
C ALA Q 1 -5.34 20.47 -5.46
N PRO Q 2 -4.20 19.85 -5.80
CA PRO Q 2 -4.25 18.66 -6.65
C PRO Q 2 -4.75 17.42 -5.91
N ASP Q 3 -5.96 16.98 -6.21
CA ASP Q 3 -6.62 15.92 -5.47
C ASP Q 3 -6.47 14.57 -6.18
N GLY Q 4 -6.62 13.49 -5.40
CA GLY Q 4 -6.29 12.16 -5.88
C GLY Q 4 -7.37 11.53 -6.74
N LYS Q 5 -6.99 10.43 -7.38
CA LYS Q 5 -7.89 9.68 -8.25
C LYS Q 5 -8.63 8.61 -7.46
N LYS Q 6 -9.90 8.39 -7.80
CA LYS Q 6 -10.72 7.37 -7.16
C LYS Q 6 -10.61 6.03 -7.89
N GLY Q 7 -10.59 4.95 -7.12
CA GLY Q 7 -10.34 3.64 -7.68
C GLY Q 7 -11.56 3.01 -8.32
N GLU Q 8 -11.30 2.04 -9.20
CA GLU Q 8 -12.35 1.29 -9.88
C GLU Q 8 -12.82 0.10 -9.05
N ALA Q 9 -14.10 -0.23 -9.19
CA ALA Q 9 -14.64 -1.46 -8.61
C ALA Q 9 -14.26 -2.67 -9.48
N GLY Q 10 -14.27 -3.83 -8.84
CA GLY Q 10 -13.98 -5.06 -9.56
C GLY Q 10 -15.14 -5.52 -10.44
N ARG Q 11 -14.81 -6.43 -11.35
CA ARG Q 11 -15.81 -6.97 -12.27
C ARG Q 11 -16.43 -8.27 -11.78
N GLY Q 13 -18.34 -12.23 -12.37
CA GLY Q 13 -18.02 -13.42 -13.12
C GLY Q 13 -18.71 -14.66 -12.60
N GLY R 1 1.54 24.08 -0.35
CA GLY R 1 0.55 23.21 -0.96
C GLY R 1 1.03 21.78 -1.16
N ILE R 2 0.51 20.88 -0.33
CA ILE R 2 0.85 19.47 -0.44
C ILE R 2 -0.26 18.76 -1.23
N GLY R 4 -2.37 15.19 -2.85
CA GLY R 4 -2.97 14.00 -2.28
C GLY R 4 -2.59 12.72 -2.99
N MET R 5 -2.97 11.60 -2.36
CA MET R 5 -2.71 10.28 -2.92
C MET R 5 -3.93 9.78 -3.67
N GLY R 7 -6.39 6.21 -5.05
CA GLY R 7 -6.85 4.95 -4.51
C GLY R 7 -6.50 3.74 -5.33
N LEU R 8 -6.77 2.56 -4.76
CA LEU R 8 -6.50 1.29 -5.44
C LEU R 8 -7.78 0.75 -6.06
N GLY R 10 -10.43 -2.41 -6.97
CA GLY R 10 -10.86 -3.66 -6.34
C GLY R 10 -10.50 -4.90 -7.13
N ALA R 11 -10.68 -6.06 -6.50
CA ALA R 11 -10.38 -7.33 -7.14
C ALA R 11 -11.63 -7.90 -7.80
N GLY R 13 -14.45 -10.77 -9.16
CA GLY R 13 -15.14 -11.88 -8.51
C GLY R 13 -14.76 -13.23 -9.06
N LYS R 14 -15.60 -14.23 -8.80
CA LYS R 14 -15.33 -15.59 -9.26
C LYS R 14 -16.62 -16.30 -9.66
#